data_6KXY
#
_entry.id   6KXY
#
_cell.length_a   45.548
_cell.length_b   61.203
_cell.length_c   103.369
_cell.angle_alpha   90.000
_cell.angle_beta   90.000
_cell.angle_gamma   90.000
#
_symmetry.space_group_name_H-M   'P 21 21 21'
#
loop_
_entity.id
_entity.type
_entity.pdbx_description
1 polymer 'Peroxisome proliferator-activated receptor alpha'
2 polymer PGC1alpha
3 non-polymer '6-ethyl-1-(4-fluorophenyl)-3-pentan-3-yl-pyrazolo[3,4-b]pyridine-4-carboxylic acid'
4 water water
#
loop_
_entity_poly.entity_id
_entity_poly.type
_entity_poly.pdbx_seq_one_letter_code
_entity_poly.pdbx_strand_id
1 'polypeptide(L)'
;GGQTADLKSLAKRIYEAYLKNFNMNKVKARVILSGKASNNPPFVIHDMETLCMAEKTLVAKLVANGIQNKEAEVRIFHCC
QCTSVETVTELTEFAKAIPGFANLDLNDQVTLLKYGVYEAIFAMLSSVMNKDGMLVAYGNGFITREFLKSLRKPFCDIME
PKFDFAMKFNALELDDSDISLFVAAIICCGDRPGLLNVGHIEKMQEGIVHVLRLHLQSNHPDDIFLFPKLLQKMADLRQL
VTEHAQLVQIIKKTESDAALHPLLQEIYRDMY
;
A
2 'polypeptide(L)' PQEAEEPSLLKKLLLAPANTQL B
#
loop_
_chem_comp.id
_chem_comp.type
_chem_comp.name
_chem_comp.formula
T06 non-polymer '6-ethyl-1-(4-fluorophenyl)-3-pentan-3-yl-pyrazolo[3,4-b]pyridine-4-carboxylic acid' 'C20 H22 F N3 O2'
#
# COMPACT_ATOMS: atom_id res chain seq x y z
N SER A 9 15.01 20.19 5.74
CA SER A 9 13.59 20.50 5.49
C SER A 9 12.85 19.42 4.69
N LEU A 10 13.58 18.61 3.94
CA LEU A 10 12.91 17.60 3.11
C LEU A 10 12.17 16.59 3.97
N ALA A 11 12.81 16.08 5.03
CA ALA A 11 12.18 15.05 5.84
C ALA A 11 10.86 15.54 6.43
N LYS A 12 10.84 16.77 6.93
CA LYS A 12 9.63 17.28 7.57
C LYS A 12 8.49 17.43 6.58
N ARG A 13 8.77 17.93 5.38
CA ARG A 13 7.71 18.12 4.40
C ARG A 13 7.11 16.78 3.97
N ILE A 14 7.93 15.73 3.88
CA ILE A 14 7.41 14.44 3.46
C ILE A 14 6.55 13.82 4.57
N TYR A 15 7.03 13.88 5.83
CA TYR A 15 6.23 13.38 6.94
C TYR A 15 4.90 14.10 7.03
N GLU A 16 4.90 15.42 6.81
CA GLU A 16 3.65 16.17 6.88
C GLU A 16 2.71 15.82 5.74
N ALA A 17 3.25 15.60 4.54
CA ALA A 17 2.41 15.16 3.42
C ALA A 17 1.77 13.81 3.71
N TYR A 18 2.51 12.93 4.41
CA TYR A 18 2.01 11.61 4.77
C TYR A 18 0.90 11.71 5.82
N LEU A 19 1.11 12.57 6.82
CA LEU A 19 0.08 12.78 7.83
C LEU A 19 -1.16 13.43 7.24
N LYS A 20 -0.99 14.28 6.22
CA LYS A 20 -2.13 14.99 5.64
C LYS A 20 -2.96 14.11 4.72
N ASN A 21 -2.35 13.09 4.10
CA ASN A 21 -2.99 12.44 2.96
C ASN A 21 -3.47 11.02 3.21
N PHE A 22 -2.94 10.31 4.20
CA PHE A 22 -3.35 8.93 4.43
C PHE A 22 -4.33 8.88 5.60
N ASN A 23 -5.56 8.43 5.31
CA ASN A 23 -6.59 8.30 6.33
C ASN A 23 -6.17 7.35 7.43
N MET A 24 -5.28 6.41 7.10
CA MET A 24 -4.86 5.36 8.02
C MET A 24 -3.33 5.42 8.15
N ASN A 25 -2.83 5.29 9.38
CA ASN A 25 -1.40 5.22 9.59
C ASN A 25 -1.13 4.32 10.78
N LYS A 26 0.15 4.18 11.14
CA LYS A 26 0.54 3.17 12.13
C LYS A 26 0.12 3.58 13.54
N VAL A 27 0.26 4.86 13.89
CA VAL A 27 -0.16 5.31 15.22
C VAL A 27 -1.66 5.09 15.40
N LYS A 28 -2.46 5.50 14.41
CA LYS A 28 -3.90 5.29 14.50
C LYS A 28 -4.26 3.81 14.50
N ALA A 29 -3.52 2.99 13.76
CA ALA A 29 -3.84 1.56 13.71
C ALA A 29 -3.59 0.90 15.06
N ARG A 30 -2.45 1.21 15.68
CA ARG A 30 -2.18 0.61 16.99
C ARG A 30 -3.16 1.13 18.05
N VAL A 31 -3.56 2.40 17.97
CA VAL A 31 -4.54 2.94 18.90
C VAL A 31 -5.85 2.17 18.80
N ILE A 32 -6.27 1.83 17.57
CA ILE A 32 -7.49 1.06 17.37
C ILE A 32 -7.29 -0.40 17.78
N LEU A 33 -6.19 -1.02 17.33
CA LEU A 33 -5.95 -2.43 17.60
C LEU A 33 -5.79 -2.74 19.07
N SER A 34 -5.68 -1.72 19.93
CA SER A 34 -5.53 -1.89 21.36
C SER A 34 -6.77 -1.51 22.16
N GLY A 35 -7.77 -0.90 21.54
CA GLY A 35 -8.97 -0.47 22.24
C GLY A 35 -9.15 1.04 22.22
N LYS A 36 -9.53 1.61 23.37
CA LYS A 36 -9.62 3.06 23.55
C LYS A 36 -10.60 3.71 22.58
N ASN A 40 -16.24 2.19 20.15
CA ASN A 40 -16.57 1.34 19.00
C ASN A 40 -15.39 0.46 18.58
N PRO A 41 -15.04 -0.53 19.41
CA PRO A 41 -13.90 -1.41 19.08
C PRO A 41 -14.16 -2.20 17.83
N PRO A 42 -13.10 -2.69 17.15
CA PRO A 42 -13.28 -3.29 15.83
C PRO A 42 -14.10 -4.57 15.88
N PHE A 43 -15.02 -4.70 14.94
CA PHE A 43 -15.78 -5.93 14.81
C PHE A 43 -14.91 -7.00 14.17
N VAL A 44 -14.83 -8.16 14.80
CA VAL A 44 -13.93 -9.22 14.36
C VAL A 44 -14.64 -10.13 13.36
N ILE A 45 -14.05 -10.27 12.19
CA ILE A 45 -14.58 -11.13 11.13
C ILE A 45 -13.70 -12.38 11.10
N HIS A 46 -14.20 -13.46 11.72
CA HIS A 46 -13.46 -14.72 11.79
C HIS A 46 -14.16 -15.87 11.09
N ASP A 47 -15.40 -15.71 10.66
CA ASP A 47 -16.09 -16.72 9.88
C ASP A 47 -17.07 -16.02 8.94
N MET A 48 -17.80 -16.83 8.16
CA MET A 48 -18.74 -16.25 7.21
C MET A 48 -19.93 -15.62 7.90
N GLU A 49 -20.32 -16.12 9.08
CA GLU A 49 -21.44 -15.51 9.79
C GLU A 49 -21.07 -14.14 10.31
N THR A 50 -19.86 -13.99 10.86
CA THR A 50 -19.42 -12.66 11.28
C THR A 50 -19.12 -11.77 10.07
N LEU A 51 -18.80 -12.37 8.93
CA LEU A 51 -18.63 -11.59 7.72
C LEU A 51 -19.94 -10.91 7.32
N CYS A 52 -20.98 -11.72 7.09
CA CYS A 52 -22.28 -11.16 6.72
C CYS A 52 -22.78 -10.17 7.78
N MET A 53 -22.56 -10.48 9.05
CA MET A 53 -22.94 -9.56 10.11
C MET A 53 -22.24 -8.21 9.95
N ALA A 54 -20.92 -8.24 9.69
CA ALA A 54 -20.19 -7.00 9.46
C ALA A 54 -20.68 -6.27 8.22
N GLU A 55 -20.97 -7.01 7.14
CA GLU A 55 -21.46 -6.39 5.91
C GLU A 55 -22.83 -5.77 6.12
N LYS A 56 -23.64 -6.34 7.02
CA LYS A 56 -24.95 -5.77 7.29
C LYS A 56 -24.84 -4.43 8.01
N THR A 57 -23.84 -4.31 8.89
CA THR A 57 -23.65 -3.14 9.72
C THR A 57 -22.84 -2.05 9.04
N LEU A 58 -22.01 -2.40 8.05
CA LEU A 58 -21.05 -1.48 7.45
C LEU A 58 -21.33 -1.18 5.99
N VAL A 59 -21.45 -2.20 5.15
CA VAL A 59 -21.54 -2.02 3.70
C VAL A 59 -22.97 -1.68 3.31
N ALA A 60 -23.11 -0.82 2.30
CA ALA A 60 -24.40 -0.45 1.76
C ALA A 60 -25.11 -1.65 1.13
N GLN A 68 -24.45 -7.97 -1.10
CA GLN A 68 -24.64 -8.48 -2.45
C GLN A 68 -25.09 -9.94 -2.44
N ASN A 69 -25.50 -10.43 -3.59
CA ASN A 69 -25.83 -11.83 -3.77
C ASN A 69 -24.67 -12.65 -4.32
N LYS A 70 -23.54 -12.00 -4.63
CA LYS A 70 -22.37 -12.66 -5.17
C LYS A 70 -21.68 -13.49 -4.09
N GLU A 71 -20.74 -14.33 -4.53
CA GLU A 71 -19.98 -15.15 -3.60
C GLU A 71 -19.18 -14.26 -2.65
N ALA A 72 -19.03 -14.72 -1.40
CA ALA A 72 -18.37 -13.92 -0.38
C ALA A 72 -16.94 -13.60 -0.76
N GLU A 73 -16.25 -14.53 -1.40
CA GLU A 73 -14.91 -14.26 -1.89
C GLU A 73 -14.90 -13.10 -2.88
N VAL A 74 -15.93 -13.02 -3.73
CA VAL A 74 -16.01 -11.91 -4.67
C VAL A 74 -16.34 -10.62 -3.92
N ARG A 75 -17.06 -10.73 -2.80
CA ARG A 75 -17.42 -9.54 -2.03
C ARG A 75 -16.21 -8.99 -1.28
N ILE A 76 -15.42 -9.87 -0.65
CA ILE A 76 -14.18 -9.43 -0.03
C ILE A 76 -13.25 -8.86 -1.09
N PHE A 77 -13.25 -9.47 -2.28
CA PHE A 77 -12.42 -9.00 -3.38
C PHE A 77 -12.79 -7.58 -3.79
N HIS A 78 -14.08 -7.29 -3.91
CA HIS A 78 -14.48 -5.95 -4.35
C HIS A 78 -14.24 -4.90 -3.27
N CYS A 79 -14.33 -5.28 -2.00
CA CYS A 79 -14.03 -4.35 -0.93
C CYS A 79 -12.53 -4.04 -0.87
N CYS A 80 -11.70 -5.05 -1.07
CA CYS A 80 -10.26 -4.82 -1.08
C CYS A 80 -9.85 -3.85 -2.20
N GLN A 81 -10.40 -4.02 -3.40
CA GLN A 81 -9.98 -3.15 -4.49
C GLN A 81 -10.48 -1.72 -4.32
N CYS A 82 -11.65 -1.53 -3.71
CA CYS A 82 -12.08 -0.17 -3.39
C CYS A 82 -11.11 0.45 -2.40
N THR A 83 -10.69 -0.30 -1.40
CA THR A 83 -9.61 0.13 -0.51
C THR A 83 -8.38 0.55 -1.30
N SER A 84 -7.98 -0.27 -2.28
CA SER A 84 -6.77 0.04 -3.04
C SER A 84 -6.96 1.29 -3.90
N VAL A 85 -8.13 1.43 -4.52
CA VAL A 85 -8.41 2.62 -5.33
C VAL A 85 -8.30 3.87 -4.47
N GLU A 86 -8.83 3.82 -3.25
CA GLU A 86 -8.74 5.00 -2.38
C GLU A 86 -7.31 5.24 -1.95
N THR A 87 -6.54 4.17 -1.69
CA THR A 87 -5.14 4.37 -1.31
C THR A 87 -4.32 4.90 -2.48
N VAL A 88 -4.63 4.47 -3.70
CA VAL A 88 -3.96 5.01 -4.87
C VAL A 88 -4.23 6.50 -5.00
N THR A 89 -5.45 6.92 -4.69
CA THR A 89 -5.77 8.35 -4.71
C THR A 89 -4.97 9.09 -3.64
N GLU A 90 -4.86 8.51 -2.45
CA GLU A 90 -4.07 9.13 -1.39
C GLU A 90 -2.60 9.19 -1.77
N LEU A 91 -2.07 8.13 -2.38
CA LEU A 91 -0.66 8.14 -2.78
C LEU A 91 -0.40 9.18 -3.85
N THR A 92 -1.34 9.38 -4.78
CA THR A 92 -1.17 10.39 -5.81
C THR A 92 -1.02 11.79 -5.21
N GLU A 93 -1.94 12.15 -4.31
CA GLU A 93 -1.82 13.42 -3.60
C GLU A 93 -0.52 13.48 -2.79
N PHE A 94 -0.16 12.38 -2.14
CA PHE A 94 1.10 12.35 -1.40
C PHE A 94 2.28 12.63 -2.34
N ALA A 95 2.35 11.93 -3.48
CA ALA A 95 3.45 12.14 -4.42
C ALA A 95 3.53 13.59 -4.87
N LYS A 96 2.38 14.22 -5.14
CA LYS A 96 2.41 15.60 -5.63
C LYS A 96 2.99 16.55 -4.59
N ALA A 97 2.96 16.17 -3.32
CA ALA A 97 3.58 16.97 -2.28
C ALA A 97 5.06 16.66 -2.07
N ILE A 98 5.61 15.68 -2.77
CA ILE A 98 7.05 15.42 -2.69
C ILE A 98 7.77 16.49 -3.51
N PRO A 99 8.63 17.31 -2.90
CA PRO A 99 9.31 18.37 -3.64
C PRO A 99 10.01 17.84 -4.88
N GLY A 100 9.69 18.42 -6.03
CA GLY A 100 10.26 18.04 -7.30
C GLY A 100 9.39 17.13 -8.14
N PHE A 101 8.42 16.44 -7.52
CA PHE A 101 7.60 15.48 -8.26
C PHE A 101 6.73 16.18 -9.29
N ALA A 102 6.05 17.25 -8.89
CA ALA A 102 5.14 17.94 -9.80
C ALA A 102 5.87 18.55 -10.99
N ASN A 103 7.17 18.82 -10.87
CA ASN A 103 7.94 19.40 -11.95
C ASN A 103 8.23 18.41 -13.07
N LEU A 104 8.16 17.11 -12.80
CA LEU A 104 8.41 16.12 -13.83
C LEU A 104 7.35 16.21 -14.92
N ASP A 105 7.73 15.71 -16.10
CA ASP A 105 6.76 15.48 -17.16
C ASP A 105 5.60 14.63 -16.63
N LEU A 106 4.40 14.92 -17.12
CA LEU A 106 3.22 14.19 -16.66
C LEU A 106 3.35 12.70 -16.89
N ASN A 107 3.89 12.29 -18.05
CA ASN A 107 4.07 10.87 -18.31
C ASN A 107 5.06 10.25 -17.32
N ASP A 108 6.03 11.02 -16.85
CA ASP A 108 6.95 10.49 -15.84
C ASP A 108 6.26 10.30 -14.50
N GLN A 109 5.42 11.26 -14.10
CA GLN A 109 4.64 11.10 -12.88
C GLN A 109 3.73 9.88 -12.95
N VAL A 110 3.10 9.65 -14.10
CA VAL A 110 2.25 8.48 -14.27
C VAL A 110 3.05 7.19 -14.11
N THR A 111 4.22 7.14 -14.76
CA THR A 111 5.08 5.97 -14.68
C THR A 111 5.49 5.67 -13.24
N LEU A 112 5.92 6.70 -12.50
CA LEU A 112 6.34 6.51 -11.12
C LEU A 112 5.20 5.94 -10.29
N LEU A 113 4.01 6.56 -10.39
CA LEU A 113 2.84 6.05 -9.67
C LEU A 113 2.50 4.63 -10.11
N LYS A 114 2.49 4.38 -11.42
CA LYS A 114 2.06 3.08 -11.93
C LYS A 114 2.87 1.94 -11.30
N TYR A 115 4.20 2.10 -11.24
CA TYR A 115 5.02 1.04 -10.70
C TYR A 115 5.23 1.16 -9.20
N GLY A 116 4.94 2.31 -8.61
CA GLY A 116 5.23 2.52 -7.21
C GLY A 116 4.09 2.24 -6.24
N VAL A 117 2.82 2.40 -6.67
CA VAL A 117 1.73 2.44 -5.70
C VAL A 117 1.59 1.12 -4.95
N TYR A 118 1.69 -0.01 -5.67
CA TYR A 118 1.44 -1.26 -4.96
C TYR A 118 2.61 -1.66 -4.05
N GLU A 119 3.83 -1.24 -4.39
CA GLU A 119 4.91 -1.41 -3.43
C GLU A 119 4.64 -0.60 -2.16
N ALA A 120 4.21 0.65 -2.33
CA ALA A 120 3.84 1.47 -1.18
C ALA A 120 2.65 0.89 -0.44
N ILE A 121 1.66 0.36 -1.18
CA ILE A 121 0.45 -0.16 -0.54
C ILE A 121 0.78 -1.33 0.38
N PHE A 122 1.57 -2.28 -0.11
CA PHE A 122 1.88 -3.44 0.73
C PHE A 122 2.85 -3.08 1.84
N ALA A 123 3.67 -2.06 1.64
CA ALA A 123 4.48 -1.56 2.75
C ALA A 123 3.58 -0.99 3.83
N MET A 124 2.69 -0.07 3.44
CA MET A 124 1.81 0.58 4.42
C MET A 124 0.76 -0.36 4.99
N LEU A 125 0.35 -1.39 4.23
CA LEU A 125 -0.56 -2.38 4.77
C LEU A 125 -0.01 -3.05 6.02
N SER A 126 1.31 -3.24 6.10
CA SER A 126 1.89 -3.84 7.30
C SER A 126 1.46 -3.11 8.56
N SER A 127 1.23 -1.80 8.46
CA SER A 127 0.86 -1.00 9.63
C SER A 127 -0.46 -1.43 10.24
N VAL A 128 -1.38 -2.00 9.45
CA VAL A 128 -2.66 -2.44 9.99
C VAL A 128 -2.70 -3.94 10.23
N MET A 129 -1.56 -4.62 10.13
CA MET A 129 -1.49 -6.07 10.23
C MET A 129 -0.77 -6.48 11.50
N ASN A 130 -1.29 -7.51 12.16
CA ASN A 130 -0.48 -8.25 13.12
C ASN A 130 -0.52 -9.73 12.76
N LYS A 131 -0.02 -10.60 13.65
CA LYS A 131 0.03 -12.03 13.33
C LYS A 131 -1.35 -12.65 13.19
N ASP A 132 -2.40 -12.05 13.75
CA ASP A 132 -3.72 -12.64 13.78
C ASP A 132 -4.63 -12.15 12.65
N GLY A 133 -4.42 -10.95 12.14
CA GLY A 133 -5.23 -10.45 11.05
C GLY A 133 -4.94 -8.98 10.80
N MET A 134 -5.92 -8.28 10.22
CA MET A 134 -5.71 -6.92 9.76
C MET A 134 -6.98 -6.09 9.91
N LEU A 135 -6.79 -4.80 10.18
CA LEU A 135 -7.89 -3.84 10.19
C LEU A 135 -8.45 -3.65 8.79
N VAL A 136 -9.78 -3.52 8.71
CA VAL A 136 -10.48 -3.29 7.46
C VAL A 136 -11.55 -2.23 7.69
N ALA A 137 -12.12 -1.76 6.59
CA ALA A 137 -13.28 -0.85 6.64
C ALA A 137 -12.96 0.39 7.46
N TYR A 138 -11.86 1.06 7.10
CA TYR A 138 -11.46 2.32 7.71
C TYR A 138 -11.41 2.21 9.24
N GLY A 139 -10.95 1.06 9.72
CA GLY A 139 -10.73 0.82 11.13
C GLY A 139 -11.92 0.27 11.89
N ASN A 140 -13.05 0.01 11.23
CA ASN A 140 -14.26 -0.45 11.90
C ASN A 140 -14.37 -1.96 11.98
N GLY A 141 -13.50 -2.70 11.29
CA GLY A 141 -13.53 -4.14 11.34
C GLY A 141 -12.12 -4.73 11.35
N PHE A 142 -12.04 -5.98 11.78
CA PHE A 142 -10.77 -6.72 11.87
C PHE A 142 -11.04 -8.13 11.38
N ILE A 143 -10.43 -8.51 10.27
CA ILE A 143 -10.63 -9.83 9.67
C ILE A 143 -9.41 -10.70 9.99
N THR A 144 -9.65 -11.98 10.30
CA THR A 144 -8.59 -12.82 10.83
C THR A 144 -7.79 -13.46 9.70
N ARG A 145 -6.49 -13.66 9.97
CA ARG A 145 -5.60 -14.29 9.00
C ARG A 145 -6.12 -15.67 8.59
N GLU A 146 -6.70 -16.41 9.52
CA GLU A 146 -7.15 -17.77 9.22
C GLU A 146 -8.39 -17.75 8.32
N PHE A 147 -9.31 -16.81 8.55
CA PHE A 147 -10.51 -16.77 7.72
C PHE A 147 -10.16 -16.51 6.26
N LEU A 148 -9.18 -15.65 6.01
CA LEU A 148 -8.72 -15.43 4.64
C LEU A 148 -8.08 -16.68 4.06
N LYS A 149 -7.43 -17.50 4.90
CA LYS A 149 -6.86 -18.74 4.40
C LYS A 149 -7.94 -19.78 4.14
N SER A 150 -9.04 -19.72 4.90
CA SER A 150 -10.14 -20.67 4.76
C SER A 150 -10.93 -20.49 3.47
N LEU A 151 -10.75 -19.38 2.77
CA LEU A 151 -11.51 -19.14 1.55
C LEU A 151 -11.09 -20.12 0.45
N ARG A 152 -11.92 -20.18 -0.59
CA ARG A 152 -11.61 -21.05 -1.71
C ARG A 152 -10.52 -20.44 -2.58
N LYS A 153 -9.78 -21.29 -3.27
CA LYS A 153 -8.76 -20.80 -4.20
C LYS A 153 -9.43 -20.07 -5.35
N PRO A 154 -8.76 -19.05 -5.92
CA PRO A 154 -7.43 -18.58 -5.56
C PRO A 154 -7.44 -17.43 -4.54
N PHE A 155 -8.63 -17.07 -4.05
CA PHE A 155 -8.75 -15.97 -3.10
C PHE A 155 -8.02 -16.25 -1.78
N CYS A 156 -7.82 -17.52 -1.42
CA CYS A 156 -7.10 -17.82 -0.18
C CYS A 156 -5.61 -17.54 -0.30
N ASP A 157 -5.07 -17.43 -1.50
CA ASP A 157 -3.64 -17.30 -1.66
C ASP A 157 -3.19 -15.85 -1.87
N ILE A 158 -4.11 -14.89 -1.80
CA ILE A 158 -3.76 -13.51 -2.09
C ILE A 158 -3.04 -12.86 -0.90
N MET A 159 -3.62 -12.96 0.30
CA MET A 159 -3.16 -12.14 1.41
C MET A 159 -2.02 -12.76 2.20
N GLU A 160 -1.84 -14.08 2.15
CA GLU A 160 -0.81 -14.71 2.97
C GLU A 160 0.60 -14.18 2.69
N PRO A 161 1.04 -14.02 1.44
CA PRO A 161 2.38 -13.44 1.23
C PRO A 161 2.52 -12.03 1.78
N LYS A 162 1.41 -11.28 1.86
CA LYS A 162 1.46 -9.94 2.41
C LYS A 162 1.57 -9.97 3.93
N PHE A 163 0.91 -10.94 4.57
CA PHE A 163 1.13 -11.15 6.00
C PHE A 163 2.58 -11.54 6.27
N ASP A 164 3.13 -12.47 5.46
CA ASP A 164 4.53 -12.88 5.62
C ASP A 164 5.46 -11.68 5.53
N PHE A 165 5.27 -10.85 4.49
CA PHE A 165 6.11 -9.65 4.38
C PHE A 165 5.94 -8.76 5.59
N ALA A 166 4.69 -8.53 6.03
CA ALA A 166 4.41 -7.57 7.09
C ALA A 166 5.02 -7.99 8.42
N MET A 167 5.00 -9.29 8.72
CA MET A 167 5.58 -9.73 10.00
C MET A 167 7.07 -9.41 10.05
N LYS A 168 7.79 -9.64 8.94
CA LYS A 168 9.21 -9.28 8.91
C LYS A 168 9.40 -7.77 8.85
N PHE A 169 8.54 -7.06 8.10
CA PHE A 169 8.64 -5.60 8.04
C PHE A 169 8.36 -4.99 9.41
N ASN A 170 7.30 -5.43 10.07
CA ASN A 170 6.96 -4.91 11.40
C ASN A 170 8.02 -5.23 12.45
N ALA A 171 8.81 -6.30 12.25
CA ALA A 171 9.88 -6.57 13.20
C ALA A 171 10.95 -5.48 13.18
N LEU A 172 11.01 -4.67 12.12
CA LEU A 172 11.92 -3.53 12.10
C LEU A 172 11.45 -2.39 12.99
N GLU A 173 10.19 -2.41 13.42
CA GLU A 173 9.65 -1.42 14.35
C GLU A 173 9.82 0.01 13.84
N LEU A 174 9.50 0.24 12.57
CA LEU A 174 9.46 1.60 12.07
C LEU A 174 8.25 2.34 12.64
N ASP A 175 8.36 3.67 12.69
CA ASP A 175 7.19 4.50 12.97
C ASP A 175 6.81 5.26 11.71
N ASP A 176 5.75 6.06 11.83
CA ASP A 176 5.22 6.78 10.68
C ASP A 176 6.24 7.73 10.07
N SER A 177 7.13 8.32 10.88
CA SER A 177 8.14 9.19 10.32
C SER A 177 9.11 8.40 9.42
N ASP A 178 9.51 7.20 9.85
CA ASP A 178 10.33 6.33 8.99
C ASP A 178 9.56 5.89 7.75
N ILE A 179 8.31 5.47 7.93
CA ILE A 179 7.55 4.91 6.81
C ILE A 179 7.31 5.98 5.75
N SER A 180 7.04 7.22 6.17
CA SER A 180 6.78 8.29 5.21
C SER A 180 7.95 8.52 4.27
N LEU A 181 9.18 8.50 4.80
CA LEU A 181 10.36 8.65 3.95
C LEU A 181 10.59 7.42 3.08
N PHE A 182 10.32 6.24 3.63
CA PHE A 182 10.48 4.99 2.88
C PHE A 182 9.55 4.97 1.66
N VAL A 183 8.29 5.35 1.86
CA VAL A 183 7.31 5.37 0.79
C VAL A 183 7.70 6.40 -0.29
N ALA A 184 8.23 7.55 0.13
CA ALA A 184 8.72 8.52 -0.84
C ALA A 184 9.85 7.95 -1.68
N ALA A 185 10.75 7.19 -1.06
CA ALA A 185 11.84 6.55 -1.81
C ALA A 185 11.31 5.50 -2.79
N ILE A 186 10.25 4.79 -2.42
CA ILE A 186 9.64 3.83 -3.34
C ILE A 186 9.11 4.54 -4.58
N ILE A 187 8.37 5.64 -4.36
CA ILE A 187 7.74 6.36 -5.45
C ILE A 187 8.79 6.99 -6.37
N CYS A 188 9.84 7.56 -5.79
CA CYS A 188 10.82 8.34 -6.55
C CYS A 188 11.98 7.45 -6.96
N CYS A 189 11.67 6.52 -7.85
CA CYS A 189 12.56 5.42 -8.21
C CYS A 189 12.95 5.56 -9.67
N GLY A 190 14.25 5.76 -9.93
CA GLY A 190 14.71 6.10 -11.27
C GLY A 190 14.78 4.97 -12.28
N ASP A 191 14.62 3.72 -11.85
CA ASP A 191 14.76 2.59 -12.76
C ASP A 191 13.42 2.00 -13.18
N ARG A 192 12.33 2.74 -13.04
CA ARG A 192 11.04 2.26 -13.51
C ARG A 192 11.04 2.21 -15.05
N PRO A 193 10.37 1.23 -15.63
CA PRO A 193 10.36 1.11 -17.11
C PRO A 193 9.67 2.31 -17.75
N GLY A 194 10.33 2.87 -18.77
CA GLY A 194 9.73 3.92 -19.57
C GLY A 194 10.00 5.33 -19.09
N LEU A 195 10.76 5.51 -18.01
CA LEU A 195 11.03 6.83 -17.49
C LEU A 195 11.82 7.65 -18.50
N LEU A 196 11.38 8.88 -18.74
CA LEU A 196 12.08 9.82 -19.62
C LEU A 196 13.21 10.54 -18.89
N ASN A 197 12.88 11.31 -17.85
CA ASN A 197 13.90 12.09 -17.15
C ASN A 197 14.53 11.28 -16.01
N VAL A 198 15.34 10.30 -16.40
CA VAL A 198 15.91 9.38 -15.41
C VAL A 198 16.94 10.08 -14.55
N GLY A 199 17.70 11.02 -15.11
CA GLY A 199 18.72 11.69 -14.32
C GLY A 199 18.14 12.57 -13.22
N HIS A 200 17.11 13.33 -13.54
CA HIS A 200 16.47 14.16 -12.54
C HIS A 200 15.81 13.33 -11.44
N ILE A 201 15.17 12.22 -11.82
CA ILE A 201 14.49 11.40 -10.84
C ILE A 201 15.51 10.69 -9.95
N GLU A 202 16.62 10.22 -10.53
CA GLU A 202 17.67 9.61 -9.73
C GLU A 202 18.22 10.59 -8.69
N LYS A 203 18.37 11.87 -9.06
CA LYS A 203 18.84 12.85 -8.09
C LYS A 203 17.79 13.12 -7.03
N MET A 204 16.50 13.14 -7.42
CA MET A 204 15.44 13.22 -6.42
C MET A 204 15.53 12.08 -5.42
N GLN A 205 15.70 10.85 -5.92
CA GLN A 205 15.79 9.70 -5.04
C GLN A 205 17.01 9.78 -4.12
N GLU A 206 18.13 10.26 -4.65
CA GLU A 206 19.34 10.35 -3.85
C GLU A 206 19.14 11.29 -2.67
N GLY A 207 18.42 12.40 -2.89
CA GLY A 207 18.11 13.28 -1.79
C GLY A 207 17.21 12.63 -0.76
N ILE A 208 16.16 11.94 -1.22
CA ILE A 208 15.23 11.28 -0.30
C ILE A 208 15.96 10.20 0.49
N VAL A 209 16.78 9.39 -0.19
CA VAL A 209 17.50 8.33 0.50
C VAL A 209 18.51 8.93 1.48
N HIS A 210 19.15 10.03 1.11
CA HIS A 210 20.07 10.70 2.02
C HIS A 210 19.37 11.11 3.31
N VAL A 211 18.21 11.78 3.20
CA VAL A 211 17.54 12.20 4.43
C VAL A 211 16.94 10.99 5.14
N LEU A 212 16.58 9.93 4.40
CA LEU A 212 16.11 8.72 5.08
C LEU A 212 17.22 8.09 5.91
N ARG A 213 18.44 8.05 5.38
CA ARG A 213 19.55 7.47 6.13
C ARG A 213 19.87 8.28 7.38
N LEU A 214 19.91 9.61 7.25
CA LEU A 214 20.13 10.46 8.42
C LEU A 214 19.02 10.25 9.44
N HIS A 215 17.78 10.14 8.97
CA HIS A 215 16.66 9.94 9.88
C HIS A 215 16.75 8.59 10.58
N LEU A 216 17.14 7.54 9.87
CA LEU A 216 17.26 6.23 10.52
C LEU A 216 18.34 6.24 11.58
N GLN A 217 19.43 6.99 11.35
CA GLN A 217 20.49 7.05 12.35
C GLN A 217 20.02 7.79 13.60
N SER A 218 19.31 8.90 13.42
CA SER A 218 18.80 9.69 14.54
C SER A 218 17.68 8.94 15.25
N ASN A 219 16.81 8.26 14.51
CA ASN A 219 15.61 7.68 15.07
C ASN A 219 15.80 6.25 15.56
N HIS A 220 16.80 5.54 15.04
CA HIS A 220 17.05 4.15 15.42
C HIS A 220 18.53 3.94 15.70
N PRO A 221 19.11 4.69 16.64
CA PRO A 221 20.55 4.54 16.91
C PRO A 221 20.94 3.15 17.38
N ASP A 222 19.97 2.36 17.86
CA ASP A 222 20.21 1.01 18.33
C ASP A 222 20.42 0.00 17.19
N ASP A 223 20.08 0.36 15.96
CA ASP A 223 20.11 -0.56 14.82
C ASP A 223 20.93 0.09 13.70
N ILE A 224 22.25 -0.09 13.74
CA ILE A 224 23.11 0.59 12.76
C ILE A 224 23.02 -0.04 11.38
N PHE A 225 22.38 -1.20 11.25
CA PHE A 225 22.19 -1.85 9.96
C PHE A 225 20.77 -1.72 9.44
N LEU A 226 19.97 -0.83 10.03
CA LEU A 226 18.58 -0.68 9.60
C LEU A 226 18.47 -0.34 8.12
N PHE A 227 19.34 0.55 7.64
CA PHE A 227 19.23 1.03 6.25
C PHE A 227 19.41 -0.09 5.24
N PRO A 228 20.47 -0.90 5.24
CA PRO A 228 20.54 -2.00 4.28
C PRO A 228 19.43 -3.02 4.45
N LYS A 229 18.95 -3.26 5.67
CA LYS A 229 17.73 -4.05 5.85
C LYS A 229 16.59 -3.48 5.02
N LEU A 230 16.41 -2.16 5.05
CA LEU A 230 15.30 -1.54 4.33
C LEU A 230 15.50 -1.58 2.82
N LEU A 231 16.75 -1.50 2.34
CA LEU A 231 16.99 -1.69 0.91
C LEU A 231 16.53 -3.08 0.45
N GLN A 232 16.78 -4.10 1.28
CA GLN A 232 16.30 -5.43 0.94
C GLN A 232 14.77 -5.49 0.92
N LYS A 233 14.12 -4.74 1.82
CA LYS A 233 12.66 -4.72 1.81
C LYS A 233 12.13 -4.09 0.53
N MET A 234 12.83 -3.11 -0.02
CA MET A 234 12.39 -2.53 -1.29
C MET A 234 12.43 -3.57 -2.41
N ALA A 235 13.46 -4.43 -2.41
CA ALA A 235 13.53 -5.48 -3.41
C ALA A 235 12.48 -6.56 -3.17
N ASP A 236 12.29 -6.98 -1.92
CA ASP A 236 11.24 -7.94 -1.61
C ASP A 236 9.87 -7.41 -2.03
N LEU A 237 9.64 -6.11 -1.89
CA LEU A 237 8.36 -5.53 -2.29
C LEU A 237 8.16 -5.64 -3.78
N ARG A 238 9.20 -5.35 -4.57
CA ARG A 238 9.08 -5.47 -6.02
C ARG A 238 8.70 -6.89 -6.42
N GLN A 239 9.29 -7.90 -5.77
CA GLN A 239 8.94 -9.28 -6.07
C GLN A 239 7.53 -9.60 -5.59
N LEU A 240 7.13 -9.07 -4.42
CA LEU A 240 5.79 -9.31 -3.91
C LEU A 240 4.74 -8.77 -4.87
N VAL A 241 5.00 -7.61 -5.47
CA VAL A 241 4.04 -7.03 -6.39
C VAL A 241 4.03 -7.78 -7.71
N THR A 242 5.21 -8.22 -8.19
CA THR A 242 5.24 -8.99 -9.44
C THR A 242 4.39 -10.25 -9.33
N GLU A 243 4.53 -10.98 -8.22
CA GLU A 243 3.69 -12.15 -8.02
C GLU A 243 2.22 -11.79 -7.89
N HIS A 244 1.91 -10.69 -7.17
CA HIS A 244 0.52 -10.29 -7.02
C HIS A 244 -0.13 -10.00 -8.36
N ALA A 245 0.60 -9.33 -9.25
CA ALA A 245 0.07 -9.00 -10.57
C ALA A 245 -0.34 -10.26 -11.33
N GLN A 246 0.35 -11.37 -11.08
CA GLN A 246 0.02 -12.63 -11.72
C GLN A 246 -1.31 -13.17 -11.22
N LEU A 247 -1.57 -13.02 -9.91
CA LEU A 247 -2.86 -13.42 -9.37
C LEU A 247 -3.98 -12.54 -9.90
N VAL A 248 -3.71 -11.24 -10.08
CA VAL A 248 -4.70 -10.36 -10.68
C VAL A 248 -5.10 -10.86 -12.07
N GLN A 249 -4.14 -11.31 -12.87
CA GLN A 249 -4.45 -11.77 -14.22
C GLN A 249 -5.20 -13.10 -14.20
N ILE A 250 -4.87 -13.97 -13.25
CA ILE A 250 -5.62 -15.21 -13.08
C ILE A 250 -7.09 -14.91 -12.82
N ILE A 251 -7.36 -13.97 -11.92
CA ILE A 251 -8.73 -13.64 -11.55
C ILE A 251 -9.43 -12.93 -12.70
N LYS A 252 -8.71 -12.07 -13.44
CA LYS A 252 -9.34 -11.37 -14.56
C LYS A 252 -9.80 -12.34 -15.64
N LYS A 253 -9.14 -13.49 -15.75
CA LYS A 253 -9.40 -14.46 -16.81
C LYS A 253 -10.37 -15.56 -16.39
N THR A 254 -10.28 -16.06 -15.16
CA THR A 254 -10.91 -17.32 -14.79
C THR A 254 -12.00 -17.19 -13.72
N GLU A 255 -12.32 -16.00 -13.25
CA GLU A 255 -13.35 -15.83 -12.24
C GLU A 255 -14.49 -14.99 -12.80
N SER A 256 -15.71 -15.50 -12.67
CA SER A 256 -16.88 -14.94 -13.31
C SER A 256 -17.17 -13.52 -12.85
N ASP A 257 -17.54 -13.36 -11.58
CA ASP A 257 -18.13 -12.13 -11.08
C ASP A 257 -17.10 -11.17 -10.52
N ALA A 258 -15.81 -11.46 -10.73
CA ALA A 258 -14.73 -10.66 -10.14
C ALA A 258 -14.25 -9.59 -11.12
N ALA A 259 -15.12 -8.61 -11.35
CA ALA A 259 -14.77 -7.49 -12.22
C ALA A 259 -13.72 -6.61 -11.54
N LEU A 260 -12.83 -6.04 -12.33
CA LEU A 260 -11.73 -5.26 -11.83
C LEU A 260 -11.95 -3.77 -12.11
N HIS A 261 -11.67 -2.96 -11.10
CA HIS A 261 -11.83 -1.52 -11.24
C HIS A 261 -10.96 -1.01 -12.39
N PRO A 262 -11.47 -0.08 -13.21
CA PRO A 262 -10.70 0.39 -14.37
C PRO A 262 -9.40 1.09 -14.00
N LEU A 263 -9.36 1.79 -12.87
CA LEU A 263 -8.11 2.39 -12.44
C LEU A 263 -7.06 1.32 -12.17
N LEU A 264 -7.46 0.23 -11.49
CA LEU A 264 -6.50 -0.81 -11.15
C LEU A 264 -6.08 -1.60 -12.38
N GLN A 265 -7.01 -1.84 -13.31
CA GLN A 265 -6.58 -2.52 -14.53
C GLN A 265 -5.61 -1.67 -15.32
N GLU A 266 -5.76 -0.34 -15.27
CA GLU A 266 -4.80 0.53 -15.93
C GLU A 266 -3.43 0.44 -15.28
N ILE A 267 -3.39 0.31 -13.95
CA ILE A 267 -2.11 0.19 -13.26
C ILE A 267 -1.43 -1.13 -13.62
N TYR A 268 -2.18 -2.24 -13.54
CA TYR A 268 -1.60 -3.55 -13.82
C TYR A 268 -1.29 -3.77 -15.30
N ARG A 269 -1.96 -3.04 -16.20
CA ARG A 269 -1.81 -3.24 -17.63
C ARG A 269 -0.36 -3.00 -18.06
N ASP A 270 0.23 -4.03 -18.69
CA ASP A 270 1.61 -3.97 -19.19
C ASP A 270 2.60 -3.75 -18.04
N MET A 271 2.39 -4.45 -16.94
CA MET A 271 3.32 -4.38 -15.80
C MET A 271 3.94 -5.76 -15.53
N PRO B 7 -7.18 11.72 -21.57
CA PRO B 7 -6.22 11.32 -20.54
C PRO B 7 -6.59 9.99 -19.88
N SER B 8 -5.58 9.28 -19.38
CA SER B 8 -5.82 8.06 -18.62
C SER B 8 -6.39 8.40 -17.24
N LEU B 9 -6.83 7.36 -16.52
CA LEU B 9 -7.36 7.57 -15.17
C LEU B 9 -6.25 8.04 -14.22
N LEU B 10 -5.06 7.45 -14.33
CA LEU B 10 -3.93 7.94 -13.56
C LEU B 10 -3.67 9.42 -13.86
N LYS B 11 -3.71 9.78 -15.14
CA LYS B 11 -3.49 11.18 -15.51
C LYS B 11 -4.55 12.08 -14.90
N LYS B 12 -5.81 11.62 -14.86
CA LYS B 12 -6.88 12.44 -14.31
C LYS B 12 -6.66 12.72 -12.83
N LEU B 13 -6.18 11.72 -12.08
CA LEU B 13 -5.86 11.94 -10.67
C LEU B 13 -4.70 12.92 -10.51
N LEU B 14 -3.72 12.85 -11.41
CA LEU B 14 -2.54 13.71 -11.29
C LEU B 14 -2.84 15.14 -11.71
N LEU B 15 -3.86 15.36 -12.53
CA LEU B 15 -4.20 16.70 -13.00
C LEU B 15 -5.18 17.41 -12.08
N ALA B 16 -5.59 16.78 -10.98
CA ALA B 16 -6.51 17.43 -10.05
C ALA B 16 -5.76 18.47 -9.22
N PRO B 17 -6.40 19.61 -8.90
CA PRO B 17 -5.81 20.65 -8.06
C PRO B 17 -5.86 20.33 -6.58
C01 T06 C . -5.66 -6.06 -1.36
C02 T06 C . -5.26 -5.39 -2.56
C03 T06 C . -5.59 -5.93 -3.84
C04 T06 C . -6.34 -7.14 -3.90
C06 T06 C . -6.71 -7.78 -2.65
C07 T06 C . -6.88 -8.03 -4.96
C09 T06 C . -5.29 -5.47 0.10
C10 T06 C . -5.17 -5.14 -5.18
C11 T06 C . -6.75 -7.82 -6.51
C13 T06 C . -6.46 -5.35 1.10
C14 T06 C . -6.75 -9.17 -7.32
C15 T06 C . -7.79 -6.83 -7.08
C16 T06 C . -5.72 -10.21 -6.82
C17 T06 C . -8.90 -6.60 -6.07
C20 T06 C . -9.37 -10.61 -2.42
C21 T06 C . -10.10 -11.52 -1.62
C22 T06 C . -9.58 -11.86 -0.37
C24 T06 C . -8.36 -11.31 0.10
C25 T06 C . -7.65 -10.39 -0.74
C26 T06 C . -8.11 -10.02 -2.05
F23 T06 C . -10.27 -12.73 0.40
N05 T06 C . -6.38 -7.23 -1.43
N08 T06 C . -7.51 -9.07 -4.37
N12 T06 C . -7.45 -9.01 -2.97
O18 T06 C . -5.57 -3.97 -5.26
O19 T06 C . -4.53 -5.75 -6.03
#